data_9DKU
#
_entry.id   9DKU
#
_cell.length_a   93.745
_cell.length_b   64.558
_cell.length_c   66.342
_cell.angle_alpha   90.00
_cell.angle_beta   103.01
_cell.angle_gamma   90.00
#
_symmetry.space_group_name_H-M   'C 1 2 1'
#
loop_
_entity.id
_entity.type
_entity.pdbx_description
1 polymer Sialidase
2 branched beta-D-galactopyranose-(1-4)-2-acetamido-2-deoxy-beta-D-glucopyranose
3 non-polymer 'N-acetyl-alpha-neuraminic acid'
4 non-polymer 1,2-ETHANEDIOL
5 water water
#
_entity_poly.entity_id   1
_entity_poly.type   'polypeptide(L)'
_entity_poly.pdbx_seq_one_letter_code
;HMCNKNNTFEKNLDISHKPEPLILFNKDNNIWNSKYFRIPNIQLLNDGTILTFSDIRYNGPDNHAYIDIASARSTDFGKT
WSYDIAMKNNRIDSTYSRVMDSTTVITNTGRIILIAGSWNTNGNWAMTTSTRRSDWSVQMIYSDDNGLTWSNKIDLTKDS
SKVKNQPSNTIGWLGGVGSGIVMDDGTIVMPAQISLRENNENNYYSLIIYSKDNGETWTMGNKVPNSNTSENMVIELDGA
LIMSTRYDYSGYRAAYISHDLGSTWEIYEPLNGKVLTGKGSGCQGSFIKATTSNGHRIGLISAPKNTKGEYIRDNIAVYM
IDFDDLSKRVQEICIPYPKDGNKLGGGYSCLSFKNSHLSIVYEANGNIEYQDLTPYYSLINKQ
;
_entity_poly.pdbx_strand_id   A
#
loop_
_chem_comp.id
_chem_comp.type
_chem_comp.name
_chem_comp.formula
EDO non-polymer 1,2-ETHANEDIOL 'C2 H6 O2'
GAL D-saccharide, beta linking beta-D-galactopyranose 'C6 H12 O6'
NAG D-saccharide, beta linking 2-acetamido-2-deoxy-beta-D-glucopyranose 'C8 H15 N O6'
SIA D-saccharide, alpha linking 'N-acetyl-alpha-neuraminic acid' 'C11 H19 N O9'
#
# COMPACT_ATOMS: atom_id res chain seq x y z
N PRO A 21 -6.87 9.69 19.60
CA PRO A 21 -5.88 9.77 18.50
C PRO A 21 -6.37 10.81 17.49
N LEU A 22 -5.43 11.47 16.79
CA LEU A 22 -5.77 12.58 15.89
C LEU A 22 -6.55 12.07 14.68
N ILE A 23 -7.62 12.76 14.29
CA ILE A 23 -8.33 12.41 13.07
C ILE A 23 -7.75 13.16 11.87
N LEU A 24 -6.84 12.51 11.12
CA LEU A 24 -6.15 13.11 9.99
C LEU A 24 -7.09 13.50 8.83
N PHE A 25 -8.01 12.61 8.46
CA PHE A 25 -9.02 12.96 7.50
C PHE A 25 -10.40 12.73 8.11
N ASN A 26 -11.25 13.77 8.07
CA ASN A 26 -12.46 13.77 8.88
C ASN A 26 -13.75 13.89 8.03
N LYS A 27 -14.45 12.75 7.88
CA LYS A 27 -15.67 12.71 7.08
C LYS A 27 -16.64 13.79 7.54
N ASP A 28 -16.51 14.19 8.81
CA ASP A 28 -17.47 15.07 9.46
C ASP A 28 -17.05 16.53 9.29
N ASN A 29 -15.81 16.78 8.86
CA ASN A 29 -15.27 18.14 8.84
C ASN A 29 -14.02 18.18 7.98
N ASN A 30 -14.19 18.47 6.69
CA ASN A 30 -13.08 18.46 5.78
C ASN A 30 -13.41 19.36 4.60
N ILE A 31 -12.35 19.94 4.04
CA ILE A 31 -12.46 21.06 3.11
C ILE A 31 -13.14 20.63 1.81
N TRP A 32 -13.28 19.33 1.55
CA TRP A 32 -13.92 18.91 0.31
C TRP A 32 -15.35 18.50 0.56
N ASN A 33 -15.80 18.51 1.82
CA ASN A 33 -17.14 18.02 2.18
C ASN A 33 -17.31 16.55 1.79
N SER A 34 -16.22 15.80 1.63
CA SER A 34 -16.25 14.36 1.39
C SER A 34 -17.02 13.64 2.50
N LYS A 35 -17.91 12.73 2.09
CA LYS A 35 -18.66 11.85 2.98
C LYS A 35 -17.79 10.77 3.66
N TYR A 36 -16.56 10.48 3.16
CA TYR A 36 -15.81 9.27 3.53
C TYR A 36 -14.38 9.31 2.98
N PHE A 37 -13.47 8.62 3.67
CA PHE A 37 -12.08 8.55 3.33
C PHE A 37 -11.62 7.09 3.47
N ARG A 38 -10.78 6.61 2.55
CA ARG A 38 -10.26 5.24 2.58
C ARG A 38 -8.82 5.21 2.08
N ILE A 39 -8.11 4.11 2.38
CA ILE A 39 -6.87 3.73 1.74
C ILE A 39 -5.79 4.73 2.10
N PRO A 40 -5.41 4.87 3.39
CA PRO A 40 -4.42 5.88 3.79
C PRO A 40 -2.99 5.41 3.50
N ASN A 41 -2.06 6.39 3.40
CA ASN A 41 -0.67 6.12 3.07
C ASN A 41 0.21 7.05 3.92
N ILE A 42 1.43 6.64 4.28
CA ILE A 42 2.30 7.55 5.00
C ILE A 42 3.76 7.34 4.60
N GLN A 43 4.54 8.45 4.55
CA GLN A 43 6.00 8.40 4.49
C GLN A 43 6.54 9.40 5.50
N LEU A 44 7.39 8.94 6.41
CA LEU A 44 8.20 9.82 7.24
C LEU A 44 9.40 10.27 6.40
N LEU A 45 9.53 11.59 6.20
CA LEU A 45 10.65 12.10 5.43
C LEU A 45 11.92 12.11 6.28
N ASN A 46 13.06 12.19 5.58
CA ASN A 46 14.34 12.22 6.25
C ASN A 46 14.44 13.40 7.24
N ASP A 47 13.79 14.53 6.94
CA ASP A 47 13.99 15.73 7.77
C ASP A 47 12.86 15.91 8.78
N GLY A 48 12.05 14.87 9.01
CA GLY A 48 11.06 14.84 10.08
C GLY A 48 9.70 15.30 9.61
N THR A 49 9.65 15.71 8.33
CA THR A 49 8.39 16.00 7.66
C THR A 49 7.58 14.71 7.57
N ILE A 50 6.26 14.81 7.78
CA ILE A 50 5.36 13.69 7.57
C ILE A 50 4.49 14.00 6.37
N LEU A 51 4.36 13.01 5.47
CA LEU A 51 3.54 13.10 4.29
C LEU A 51 2.56 11.93 4.32
N THR A 52 1.27 12.22 4.07
CA THR A 52 0.26 11.19 4.08
C THR A 52 -0.62 11.43 2.87
N PHE A 53 -1.38 10.38 2.51
CA PHE A 53 -2.34 10.47 1.43
C PHE A 53 -3.56 9.65 1.79
N SER A 54 -4.63 9.89 1.05
CA SER A 54 -5.85 9.14 1.21
C SER A 54 -6.72 9.35 -0.01
N ASP A 55 -7.51 8.33 -0.35
CA ASP A 55 -8.64 8.46 -1.26
C ASP A 55 -9.63 9.42 -0.63
N ILE A 56 -10.02 10.44 -1.40
CA ILE A 56 -11.19 11.24 -1.05
C ILE A 56 -12.40 10.60 -1.71
N ARG A 57 -13.25 10.01 -0.88
CA ARG A 57 -14.38 9.30 -1.43
C ARG A 57 -15.63 10.14 -1.30
N TYR A 58 -15.74 11.11 -2.22
CA TYR A 58 -16.75 12.16 -2.18
C TYR A 58 -18.11 11.64 -1.76
N ASN A 59 -18.66 10.66 -2.49
CA ASN A 59 -20.05 10.28 -2.31
C ASN A 59 -20.32 9.21 -1.24
N GLY A 60 -19.30 8.73 -0.51
CA GLY A 60 -19.51 7.57 0.33
C GLY A 60 -18.42 6.50 0.24
N PRO A 61 -18.64 5.32 0.82
CA PRO A 61 -17.55 4.33 0.94
C PRO A 61 -17.24 3.46 -0.27
N ASP A 62 -18.12 3.47 -1.28
CA ASP A 62 -17.98 2.56 -2.41
C ASP A 62 -16.72 2.84 -3.23
N ASN A 63 -16.11 1.74 -3.66
CA ASN A 63 -14.99 1.65 -4.58
C ASN A 63 -15.35 2.23 -5.96
N HIS A 64 -16.55 1.94 -6.43
CA HIS A 64 -16.86 2.31 -7.81
C HIS A 64 -17.69 3.58 -7.76
N ALA A 65 -16.98 4.71 -7.71
CA ALA A 65 -17.48 6.02 -7.36
C ALA A 65 -16.47 7.10 -7.79
N TYR A 66 -16.79 8.35 -7.48
CA TYR A 66 -16.00 9.52 -7.82
C TYR A 66 -14.90 9.69 -6.77
N ILE A 67 -13.62 9.65 -7.19
CA ILE A 67 -12.57 9.64 -6.17
C ILE A 67 -11.37 10.44 -6.67
N ASP A 68 -10.80 11.28 -5.78
CA ASP A 68 -9.44 11.80 -5.95
C ASP A 68 -8.56 11.43 -4.75
N ILE A 69 -7.26 11.68 -4.91
CA ILE A 69 -6.32 11.38 -3.85
C ILE A 69 -5.83 12.69 -3.25
N ALA A 70 -6.04 12.81 -1.92
CA ALA A 70 -5.52 13.89 -1.10
C ALA A 70 -4.12 13.61 -0.60
N SER A 71 -3.40 14.69 -0.27
CA SER A 71 -2.22 14.67 0.59
C SER A 71 -2.50 15.47 1.86
N ALA A 72 -1.89 15.08 2.96
CA ALA A 72 -1.82 15.91 4.15
C ALA A 72 -0.35 15.99 4.54
N ARG A 73 0.14 17.22 4.84
CA ARG A 73 1.56 17.37 5.12
C ARG A 73 1.72 18.11 6.45
N SER A 74 2.66 17.63 7.27
CA SER A 74 2.87 18.23 8.58
C SER A 74 4.36 18.43 8.82
N THR A 75 4.70 19.68 9.21
CA THR A 75 6.06 20.09 9.56
C THR A 75 6.20 20.18 11.08
N ASP A 76 5.16 19.81 11.83
CA ASP A 76 5.24 19.90 13.28
C ASP A 76 5.05 18.54 13.94
N PHE A 77 5.68 17.51 13.35
CA PHE A 77 5.61 16.13 13.84
C PHE A 77 4.15 15.73 14.09
N GLY A 78 3.22 16.26 13.27
CA GLY A 78 1.86 15.74 13.19
C GLY A 78 0.84 16.38 14.14
N LYS A 79 1.21 17.52 14.77
CA LYS A 79 0.29 18.36 15.53
C LYS A 79 -0.74 18.95 14.58
N THR A 80 -0.27 19.54 13.45
CA THR A 80 -1.16 20.18 12.49
C THR A 80 -0.72 19.86 11.07
N TRP A 81 -1.65 20.06 10.12
CA TRP A 81 -1.54 19.50 8.79
C TRP A 81 -1.95 20.47 7.69
N SER A 82 -1.29 20.36 6.54
CA SER A 82 -1.67 21.09 5.36
C SER A 82 -2.14 20.10 4.29
N TYR A 83 -3.36 20.33 3.77
CA TYR A 83 -4.05 19.38 2.93
C TYR A 83 -4.10 19.90 1.50
N ASP A 84 -3.98 18.99 0.54
CA ASP A 84 -4.14 19.36 -0.85
C ASP A 84 -4.76 18.19 -1.61
N ILE A 85 -5.23 18.41 -2.86
CA ILE A 85 -5.61 17.29 -3.70
C ILE A 85 -4.43 16.90 -4.58
N ALA A 86 -3.72 15.80 -4.25
CA ALA A 86 -2.50 15.47 -4.97
C ALA A 86 -2.75 14.87 -6.37
N MET A 87 -3.86 14.16 -6.61
CA MET A 87 -4.14 13.63 -7.94
C MET A 87 -5.64 13.59 -8.20
N LYS A 88 -6.03 14.08 -9.37
CA LYS A 88 -7.43 14.16 -9.75
C LYS A 88 -7.71 13.01 -10.69
N ASN A 89 -8.95 12.55 -10.65
CA ASN A 89 -9.39 11.53 -11.60
C ASN A 89 -9.43 12.14 -13.00
N ASN A 90 -9.72 11.31 -14.02
CA ASN A 90 -9.68 11.79 -15.39
C ASN A 90 -10.90 12.67 -15.72
N ARG A 91 -11.76 12.95 -14.71
CA ARG A 91 -12.94 13.79 -14.82
C ARG A 91 -13.85 13.38 -15.98
N ILE A 92 -13.78 12.13 -16.50
CA ILE A 92 -14.62 11.75 -17.62
C ILE A 92 -16.04 11.43 -17.17
N ASP A 93 -16.19 10.82 -16.00
CA ASP A 93 -17.52 10.37 -15.61
C ASP A 93 -17.79 10.85 -14.19
N SER A 94 -18.88 11.60 -14.00
CA SER A 94 -19.06 12.27 -12.70
C SER A 94 -19.59 11.30 -11.64
N THR A 95 -19.92 10.05 -12.03
CA THR A 95 -20.31 9.02 -11.10
C THR A 95 -19.09 8.14 -10.76
N TYR A 96 -18.27 7.77 -11.78
CA TYR A 96 -17.32 6.65 -11.73
C TYR A 96 -15.85 7.00 -11.94
N SER A 97 -15.53 8.28 -12.15
CA SER A 97 -14.14 8.61 -12.39
C SER A 97 -13.40 8.56 -11.06
N ARG A 98 -12.25 7.88 -11.04
CA ARG A 98 -11.50 7.64 -9.82
C ARG A 98 -10.04 7.31 -10.14
N VAL A 99 -9.16 7.89 -9.33
CA VAL A 99 -7.81 7.41 -9.12
C VAL A 99 -7.76 7.06 -7.64
N MET A 100 -7.09 5.95 -7.27
CA MET A 100 -7.28 5.39 -5.93
C MET A 100 -6.18 4.36 -5.63
N ASP A 101 -6.20 3.85 -4.38
CA ASP A 101 -5.36 2.76 -3.92
C ASP A 101 -3.89 3.12 -4.13
N SER A 102 -3.42 4.11 -3.35
CA SER A 102 -2.10 4.72 -3.50
C SER A 102 -0.98 3.77 -3.10
N THR A 103 0.10 3.79 -3.88
CA THR A 103 1.37 3.20 -3.50
C THR A 103 2.44 4.29 -3.65
N THR A 104 3.34 4.40 -2.66
CA THR A 104 4.29 5.50 -2.66
C THR A 104 5.69 4.99 -2.35
N VAL A 105 6.66 5.87 -2.59
CA VAL A 105 8.04 5.58 -2.22
C VAL A 105 8.82 6.89 -2.21
N ILE A 106 9.93 6.92 -1.47
CA ILE A 106 10.84 8.05 -1.58
C ILE A 106 12.17 7.58 -2.21
N THR A 107 12.57 8.17 -3.36
CA THR A 107 13.79 7.73 -4.01
C THR A 107 15.02 8.17 -3.21
N ASN A 108 16.23 7.71 -3.60
CA ASN A 108 17.45 8.20 -2.98
C ASN A 108 17.73 9.65 -3.37
N THR A 109 17.10 10.17 -4.42
CA THR A 109 17.27 11.61 -4.59
C THR A 109 16.31 12.38 -3.68
N GLY A 110 15.47 11.65 -2.92
CA GLY A 110 14.48 12.32 -2.10
C GLY A 110 13.21 12.66 -2.89
N ARG A 111 13.18 12.30 -4.18
CA ARG A 111 11.94 12.44 -4.94
C ARG A 111 10.88 11.51 -4.35
N ILE A 112 9.63 11.99 -4.32
CA ILE A 112 8.49 11.22 -3.84
C ILE A 112 7.63 10.75 -5.03
N ILE A 113 7.44 9.42 -5.19
CA ILE A 113 6.61 8.89 -6.29
C ILE A 113 5.26 8.38 -5.74
N LEU A 114 4.14 8.80 -6.36
CA LEU A 114 2.84 8.21 -6.10
C LEU A 114 2.27 7.60 -7.39
N ILE A 115 1.83 6.35 -7.24
CA ILE A 115 1.28 5.55 -8.31
C ILE A 115 -0.08 5.08 -7.84
N ALA A 116 -1.08 5.34 -8.71
CA ALA A 116 -2.47 5.03 -8.49
C ALA A 116 -3.10 4.35 -9.70
N GLY A 117 -4.19 3.64 -9.41
CA GLY A 117 -5.02 3.03 -10.44
C GLY A 117 -6.11 4.02 -10.82
N SER A 118 -6.38 4.06 -12.13
CA SER A 118 -7.35 4.99 -12.70
C SER A 118 -8.44 4.24 -13.47
N TRP A 119 -9.70 4.52 -13.11
CA TRP A 119 -10.82 4.01 -13.91
C TRP A 119 -11.91 5.08 -14.05
N ASN A 120 -12.96 4.75 -14.84
CA ASN A 120 -14.13 5.62 -14.94
C ASN A 120 -15.44 4.84 -15.23
N THR A 121 -15.45 3.50 -15.09
CA THR A 121 -16.67 2.74 -15.28
C THR A 121 -16.97 1.91 -14.03
N ASN A 122 -18.20 1.37 -13.94
CA ASN A 122 -18.66 0.53 -12.85
C ASN A 122 -18.04 -0.86 -12.99
N GLY A 123 -17.68 -1.43 -11.83
CA GLY A 123 -17.40 -2.86 -11.82
C GLY A 123 -15.94 -3.14 -11.45
N ASN A 124 -15.70 -4.24 -10.74
CA ASN A 124 -14.43 -4.47 -10.07
C ASN A 124 -13.30 -4.46 -11.12
N TRP A 125 -12.14 -3.90 -10.79
CA TRP A 125 -11.03 -3.79 -11.73
C TRP A 125 -10.57 -5.12 -12.31
N ALA A 126 -10.63 -6.19 -11.48
CA ALA A 126 -9.89 -7.39 -11.84
C ALA A 126 -10.81 -8.40 -12.56
N MET A 127 -12.11 -8.31 -12.23
CA MET A 127 -13.04 -9.38 -12.51
C MET A 127 -14.10 -9.00 -13.54
N THR A 128 -14.32 -7.69 -13.85
CA THR A 128 -15.49 -7.27 -14.64
C THR A 128 -15.37 -7.65 -16.12
N THR A 129 -14.18 -7.49 -16.73
CA THR A 129 -13.97 -7.65 -18.16
C THR A 129 -13.02 -8.82 -18.47
N SER A 130 -13.18 -9.44 -19.64
CA SER A 130 -12.37 -10.57 -20.05
C SER A 130 -11.24 -10.11 -20.97
N THR A 131 -11.24 -8.84 -21.36
CA THR A 131 -10.03 -8.34 -22.00
C THR A 131 -9.63 -7.08 -21.26
N ARG A 132 -8.55 -6.43 -21.74
CA ARG A 132 -7.94 -5.28 -21.10
C ARG A 132 -9.02 -4.24 -20.82
N ARG A 133 -9.12 -3.84 -19.54
CA ARG A 133 -10.16 -2.91 -19.13
C ARG A 133 -9.93 -1.59 -19.87
N SER A 134 -10.86 -1.28 -20.80
CA SER A 134 -10.68 -0.19 -21.76
C SER A 134 -10.47 1.15 -21.04
N ASP A 135 -11.14 1.37 -19.92
CA ASP A 135 -10.96 2.65 -19.25
C ASP A 135 -9.80 2.61 -18.26
N TRP A 136 -9.08 1.49 -18.19
CA TRP A 136 -8.13 1.34 -17.09
C TRP A 136 -6.76 1.91 -17.44
N SER A 137 -6.10 2.48 -16.43
CA SER A 137 -4.69 2.83 -16.57
C SER A 137 -4.03 3.02 -15.21
N VAL A 138 -2.72 3.17 -15.24
CA VAL A 138 -1.91 3.45 -14.08
C VAL A 138 -1.28 4.82 -14.26
N GLN A 139 -1.54 5.70 -13.29
CA GLN A 139 -1.12 7.10 -13.37
C GLN A 139 -0.09 7.34 -12.30
N MET A 140 0.91 8.17 -12.63
CA MET A 140 2.01 8.39 -11.71
C MET A 140 2.29 9.89 -11.65
N ILE A 141 2.53 10.39 -10.43
CA ILE A 141 2.98 11.75 -10.14
C ILE A 141 4.23 11.64 -9.29
N TYR A 142 5.06 12.69 -9.32
CA TYR A 142 6.27 12.72 -8.53
C TYR A 142 6.45 14.15 -8.00
N SER A 143 7.19 14.24 -6.91
CA SER A 143 7.45 15.50 -6.25
C SER A 143 8.95 15.57 -6.06
N ASP A 144 9.52 16.75 -6.37
CA ASP A 144 10.92 17.02 -6.13
C ASP A 144 11.09 18.11 -5.08
N ASP A 145 10.00 18.49 -4.38
CA ASP A 145 10.10 19.52 -3.37
C ASP A 145 9.59 19.05 -1.99
N ASN A 146 9.99 17.84 -1.55
CA ASN A 146 9.59 17.26 -0.26
C ASN A 146 8.07 17.26 -0.11
N GLY A 147 7.40 17.12 -1.28
CA GLY A 147 5.98 16.90 -1.37
C GLY A 147 5.13 18.18 -1.34
N LEU A 148 5.72 19.34 -1.68
CA LEU A 148 4.98 20.61 -1.67
C LEU A 148 4.14 20.71 -2.92
N THR A 149 4.69 20.24 -4.03
CA THR A 149 3.94 20.23 -5.28
C THR A 149 4.26 18.97 -6.08
N TRP A 150 3.36 18.62 -7.00
CA TRP A 150 3.45 17.39 -7.76
C TRP A 150 3.59 17.71 -9.23
N SER A 151 4.22 16.78 -9.98
CA SER A 151 4.25 16.85 -11.43
C SER A 151 2.82 16.69 -11.98
N ASN A 152 2.68 16.81 -13.31
CA ASN A 152 1.47 16.39 -13.99
C ASN A 152 1.38 14.87 -13.93
N LYS A 153 0.19 14.35 -14.15
CA LYS A 153 0.07 12.90 -14.20
C LYS A 153 0.83 12.40 -15.43
N ILE A 154 1.51 11.26 -15.26
CA ILE A 154 2.23 10.53 -16.27
C ILE A 154 1.58 9.14 -16.41
N ASP A 155 1.11 8.84 -17.64
CA ASP A 155 0.40 7.62 -17.96
C ASP A 155 1.36 6.49 -18.30
N LEU A 156 1.39 5.49 -17.39
CA LEU A 156 2.31 4.36 -17.43
C LEU A 156 1.81 3.24 -18.37
N THR A 157 0.60 3.38 -18.92
CA THR A 157 0.10 2.24 -19.67
C THR A 157 -0.54 2.65 -21.01
N LYS A 158 -0.62 3.94 -21.34
CA LYS A 158 -1.16 4.38 -22.63
C LYS A 158 -0.39 3.74 -23.81
N ASP A 159 0.94 3.58 -23.67
CA ASP A 159 1.76 3.01 -24.75
C ASP A 159 2.73 2.00 -24.14
N SER A 160 3.78 1.59 -24.87
CA SER A 160 4.72 0.69 -24.22
C SER A 160 6.06 1.36 -23.92
N SER A 161 6.06 2.69 -23.83
CA SER A 161 7.28 3.45 -23.57
C SER A 161 7.68 3.49 -22.09
N LYS A 162 6.78 3.15 -21.16
CA LYS A 162 7.02 3.43 -19.74
C LYS A 162 7.19 2.16 -18.86
N VAL A 163 6.63 1.02 -19.28
CA VAL A 163 6.71 -0.25 -18.56
C VAL A 163 7.05 -1.39 -19.53
N LYS A 164 8.14 -2.14 -19.26
CA LYS A 164 8.50 -3.30 -20.06
C LYS A 164 7.96 -4.58 -19.38
N ASN A 165 7.77 -5.64 -20.17
CA ASN A 165 7.40 -6.96 -19.68
C ASN A 165 5.98 -6.93 -19.08
N GLN A 166 5.09 -6.13 -19.65
CA GLN A 166 3.69 -6.18 -19.23
C GLN A 166 3.03 -7.31 -20.01
N PRO A 167 2.42 -8.33 -19.37
CA PRO A 167 1.82 -9.47 -20.09
C PRO A 167 0.71 -9.06 -21.07
N SER A 168 0.64 -9.80 -22.19
CA SER A 168 -0.31 -9.49 -23.24
C SER A 168 -1.72 -9.77 -22.73
N ASN A 169 -1.80 -10.70 -21.77
CA ASN A 169 -3.08 -11.14 -21.26
C ASN A 169 -3.51 -10.31 -20.04
N THR A 170 -2.99 -9.07 -19.91
CA THR A 170 -3.33 -8.20 -18.79
C THR A 170 -4.77 -7.68 -18.89
N ILE A 171 -5.52 -7.78 -17.78
CA ILE A 171 -6.84 -7.15 -17.62
C ILE A 171 -6.64 -5.77 -17.03
N GLY A 172 -5.76 -5.72 -16.02
CA GLY A 172 -5.36 -4.48 -15.36
C GLY A 172 -4.26 -4.83 -14.37
N TRP A 173 -3.59 -3.80 -13.84
CA TRP A 173 -2.75 -3.90 -12.65
C TRP A 173 -2.64 -2.51 -12.03
N LEU A 174 -2.21 -2.46 -10.75
CA LEU A 174 -1.94 -1.23 -10.03
C LEU A 174 -0.90 -1.55 -8.95
N GLY A 175 -0.57 -0.58 -8.09
CA GLY A 175 0.40 -0.86 -7.04
C GLY A 175 -0.19 -1.72 -5.92
N GLY A 176 0.68 -2.21 -5.05
CA GLY A 176 0.39 -3.09 -3.92
C GLY A 176 -0.34 -2.43 -2.73
N VAL A 177 -0.45 -1.10 -2.73
CA VAL A 177 -1.19 -0.33 -1.73
C VAL A 177 -0.42 -0.21 -0.41
N GLY A 178 0.37 0.87 -0.34
CA GLY A 178 1.34 1.08 0.72
C GLY A 178 2.60 1.74 0.14
N SER A 179 3.76 1.18 0.51
CA SER A 179 4.98 1.87 0.18
C SER A 179 5.90 0.89 -0.57
N GLY A 180 6.68 1.42 -1.51
CA GLY A 180 7.78 0.63 -2.06
C GLY A 180 9.07 0.81 -1.26
N ILE A 181 10.21 0.49 -1.89
CA ILE A 181 11.49 0.46 -1.19
C ILE A 181 12.56 0.83 -2.21
N VAL A 182 13.80 1.00 -1.72
CA VAL A 182 14.98 1.24 -2.54
C VAL A 182 16.05 0.21 -2.18
N MET A 183 16.61 -0.46 -3.18
CA MET A 183 17.64 -1.50 -3.01
C MET A 183 18.97 -0.79 -2.73
N ASP A 184 20.03 -1.55 -2.40
CA ASP A 184 21.37 -1.01 -2.17
C ASP A 184 21.81 0.02 -3.22
N ASP A 185 21.66 -0.33 -4.51
CA ASP A 185 22.31 0.41 -5.59
C ASP A 185 21.40 1.53 -6.06
N GLY A 186 20.23 1.65 -5.41
CA GLY A 186 19.31 2.74 -5.71
C GLY A 186 18.15 2.36 -6.62
N THR A 187 18.07 1.10 -7.08
CA THR A 187 16.86 0.63 -7.74
C THR A 187 15.63 0.78 -6.83
N ILE A 188 14.58 1.39 -7.39
CA ILE A 188 13.30 1.54 -6.72
C ILE A 188 12.49 0.28 -7.02
N VAL A 189 11.87 -0.32 -5.99
CA VAL A 189 10.91 -1.41 -6.18
C VAL A 189 9.56 -0.98 -5.60
N MET A 190 8.53 -1.16 -6.40
CA MET A 190 7.18 -0.91 -5.97
C MET A 190 6.47 -2.26 -5.95
N PRO A 191 5.66 -2.54 -4.90
CA PRO A 191 4.78 -3.72 -4.88
C PRO A 191 3.64 -3.49 -5.87
N ALA A 192 3.12 -4.57 -6.46
CA ALA A 192 2.08 -4.42 -7.46
C ALA A 192 1.10 -5.59 -7.38
N GLN A 193 -0.06 -5.41 -8.04
CA GLN A 193 -1.04 -6.49 -8.23
C GLN A 193 -1.51 -6.51 -9.69
N ILE A 194 -1.80 -7.70 -10.25
CA ILE A 194 -2.24 -7.82 -11.63
C ILE A 194 -3.38 -8.84 -11.77
N SER A 195 -4.28 -8.54 -12.71
CA SER A 195 -5.31 -9.47 -13.14
C SER A 195 -4.99 -9.95 -14.54
N LEU A 196 -4.98 -11.28 -14.73
CA LEU A 196 -4.60 -11.91 -15.98
C LEU A 196 -5.70 -12.88 -16.42
N ARG A 197 -6.03 -12.82 -17.73
CA ARG A 197 -6.92 -13.77 -18.38
C ARG A 197 -6.18 -15.08 -18.58
N GLU A 198 -6.61 -16.12 -17.87
CA GLU A 198 -6.01 -17.45 -17.96
C GLU A 198 -7.14 -18.48 -18.09
N ASN A 199 -7.09 -19.28 -19.18
CA ASN A 199 -8.11 -20.20 -19.67
C ASN A 199 -9.51 -19.83 -19.23
N ASN A 200 -10.06 -18.74 -19.79
CA ASN A 200 -11.47 -18.37 -19.58
C ASN A 200 -11.82 -17.93 -18.15
N GLU A 201 -10.81 -17.63 -17.32
CA GLU A 201 -10.99 -17.11 -15.96
C GLU A 201 -10.15 -15.83 -15.81
N ASN A 202 -10.50 -14.97 -14.84
CA ASN A 202 -9.61 -13.87 -14.44
C ASN A 202 -8.92 -14.25 -13.12
N ASN A 203 -7.58 -14.31 -13.10
CA ASN A 203 -6.87 -14.60 -11.85
C ASN A 203 -5.96 -13.44 -11.50
N TYR A 204 -5.96 -13.08 -10.20
CA TYR A 204 -5.13 -11.99 -9.72
C TYR A 204 -3.98 -12.54 -8.88
N TYR A 205 -2.84 -11.85 -9.02
CA TYR A 205 -1.57 -12.22 -8.41
C TYR A 205 -0.81 -10.96 -7.97
N SER A 206 0.02 -11.11 -6.93
CA SER A 206 0.96 -10.07 -6.55
C SER A 206 2.21 -10.20 -7.44
N LEU A 207 2.93 -9.10 -7.62
CA LEU A 207 4.26 -9.06 -8.20
C LEU A 207 4.91 -7.74 -7.78
N ILE A 208 6.06 -7.41 -8.37
CA ILE A 208 6.73 -6.13 -8.14
C ILE A 208 7.02 -5.46 -9.49
N ILE A 209 7.16 -4.12 -9.47
CA ILE A 209 7.82 -3.41 -10.56
C ILE A 209 9.01 -2.64 -10.00
N TYR A 210 10.02 -2.39 -10.87
CA TYR A 210 11.24 -1.67 -10.49
C TYR A 210 11.62 -0.64 -11.55
N SER A 211 12.31 0.40 -11.10
CA SER A 211 12.81 1.50 -11.91
C SER A 211 14.28 1.74 -11.59
N LYS A 212 15.09 1.83 -12.64
CA LYS A 212 16.51 2.05 -12.45
C LYS A 212 16.87 3.47 -12.86
N ASP A 213 15.85 4.32 -13.02
CA ASP A 213 16.08 5.67 -13.53
C ASP A 213 15.16 6.62 -12.80
N ASN A 214 15.02 6.42 -11.48
CA ASN A 214 14.36 7.37 -10.61
C ASN A 214 12.86 7.49 -10.95
N GLY A 215 12.28 6.45 -11.60
CA GLY A 215 10.84 6.40 -11.79
C GLY A 215 10.34 6.82 -13.17
N GLU A 216 11.26 7.07 -14.11
CA GLU A 216 10.87 7.53 -15.45
C GLU A 216 10.37 6.34 -16.26
N THR A 217 11.05 5.18 -16.12
CA THR A 217 10.62 3.91 -16.70
C THR A 217 10.69 2.76 -15.67
N TRP A 218 9.99 1.68 -16.00
CA TRP A 218 9.77 0.58 -15.07
C TRP A 218 9.82 -0.73 -15.83
N THR A 219 10.27 -1.77 -15.13
CA THR A 219 10.12 -3.15 -15.56
C THR A 219 9.25 -3.92 -14.57
N MET A 220 8.37 -4.76 -15.13
CA MET A 220 7.45 -5.58 -14.39
C MET A 220 8.16 -6.91 -14.12
N GLY A 221 8.16 -7.37 -12.85
CA GLY A 221 8.54 -8.73 -12.51
C GLY A 221 7.49 -9.74 -12.97
N ASN A 222 7.59 -10.98 -12.52
CA ASN A 222 6.60 -12.00 -12.86
C ASN A 222 5.77 -12.33 -11.61
N LYS A 223 4.62 -12.99 -11.82
CA LYS A 223 3.65 -13.17 -10.75
C LYS A 223 4.17 -14.12 -9.67
N VAL A 224 3.72 -13.92 -8.43
CA VAL A 224 4.01 -14.86 -7.35
C VAL A 224 3.35 -16.21 -7.62
N PRO A 225 3.64 -17.27 -6.83
CA PRO A 225 3.11 -18.62 -7.08
C PRO A 225 1.61 -18.92 -6.97
N ASN A 226 0.86 -18.18 -6.14
CA ASN A 226 -0.56 -18.47 -5.95
C ASN A 226 -1.39 -17.27 -6.43
N SER A 227 -2.50 -17.60 -7.09
CA SER A 227 -3.49 -16.62 -7.50
C SER A 227 -4.32 -16.26 -6.27
N ASN A 228 -5.17 -15.25 -6.35
CA ASN A 228 -5.89 -14.80 -5.17
C ASN A 228 -4.99 -13.95 -4.25
N THR A 229 -3.83 -13.50 -4.77
CA THR A 229 -2.93 -12.68 -3.97
C THR A 229 -2.97 -11.31 -4.63
N SER A 230 -2.98 -10.25 -3.83
CA SER A 230 -3.21 -8.93 -4.40
C SER A 230 -2.31 -7.93 -3.71
N GLU A 231 -2.91 -7.07 -2.88
CA GLU A 231 -2.22 -5.96 -2.21
C GLU A 231 -1.09 -6.55 -1.37
N ASN A 232 0.07 -5.90 -1.44
CA ASN A 232 1.25 -6.42 -0.75
C ASN A 232 2.27 -5.29 -0.57
N MET A 233 3.28 -5.55 0.26
CA MET A 233 4.53 -4.80 0.32
C MET A 233 5.70 -5.81 0.39
N VAL A 234 6.86 -5.39 -0.14
CA VAL A 234 8.10 -6.13 -0.01
C VAL A 234 9.10 -5.31 0.85
N ILE A 235 9.98 -6.02 1.58
CA ILE A 235 11.18 -5.44 2.18
C ILE A 235 12.39 -6.04 1.43
N GLU A 236 13.54 -5.38 1.54
CA GLU A 236 14.82 -5.87 1.05
C GLU A 236 15.54 -6.49 2.23
N LEU A 237 16.15 -7.65 2.00
CA LEU A 237 16.93 -8.34 3.01
C LEU A 237 18.10 -9.07 2.34
N ASP A 238 19.29 -8.43 2.42
CA ASP A 238 20.57 -8.93 1.92
C ASP A 238 20.42 -9.24 0.44
N GLY A 239 19.80 -8.31 -0.28
CA GLY A 239 19.59 -8.50 -1.70
C GLY A 239 18.29 -9.21 -2.04
N ALA A 240 17.71 -10.00 -1.11
CA ALA A 240 16.44 -10.70 -1.40
C ALA A 240 15.26 -9.74 -1.30
N LEU A 241 14.17 -9.99 -2.03
CA LEU A 241 12.91 -9.35 -1.68
C LEU A 241 12.07 -10.34 -0.87
N ILE A 242 11.47 -9.87 0.23
CA ILE A 242 10.51 -10.68 0.95
C ILE A 242 9.18 -9.94 0.90
N MET A 243 8.11 -10.64 0.45
CA MET A 243 6.78 -10.06 0.27
C MET A 243 5.82 -10.59 1.35
N SER A 244 4.98 -9.70 1.90
CA SER A 244 3.85 -10.08 2.73
C SER A 244 2.57 -9.73 2.01
N THR A 245 1.71 -10.70 1.66
CA THR A 245 0.66 -10.30 0.71
C THR A 245 -0.73 -10.74 1.20
N ARG A 246 -1.75 -9.96 0.82
CA ARG A 246 -3.15 -10.31 1.00
C ARG A 246 -3.46 -11.55 0.14
N TYR A 247 -3.92 -12.62 0.79
CA TYR A 247 -4.21 -13.89 0.10
C TYR A 247 -5.67 -14.23 0.39
N ASP A 248 -6.54 -13.86 -0.55
CA ASP A 248 -7.97 -13.82 -0.28
C ASP A 248 -8.50 -15.23 -0.03
N TYR A 249 -9.21 -15.42 1.10
CA TYR A 249 -9.98 -16.62 1.42
C TYR A 249 -9.11 -17.73 2.01
N SER A 250 -7.82 -17.46 2.18
CA SER A 250 -6.94 -18.43 2.80
C SER A 250 -6.94 -18.28 4.33
N GLY A 251 -7.30 -17.09 4.83
CA GLY A 251 -7.28 -16.85 6.26
C GLY A 251 -5.94 -16.33 6.79
N TYR A 252 -4.94 -16.10 5.93
CA TYR A 252 -3.70 -15.56 6.46
C TYR A 252 -3.01 -14.68 5.42
N ARG A 253 -1.97 -13.97 5.83
CA ARG A 253 -1.12 -13.32 4.83
C ARG A 253 -0.06 -14.28 4.31
N ALA A 254 -0.01 -14.42 2.99
CA ALA A 254 1.07 -15.17 2.38
C ALA A 254 2.38 -14.38 2.44
N ALA A 255 3.50 -15.11 2.26
CA ALA A 255 4.83 -14.53 2.18
C ALA A 255 5.68 -15.35 1.20
N TYR A 256 6.41 -14.65 0.34
CA TYR A 256 7.31 -15.27 -0.59
C TYR A 256 8.66 -14.57 -0.57
N ILE A 257 9.69 -15.21 -1.12
CA ILE A 257 11.01 -14.59 -1.26
C ILE A 257 11.54 -14.67 -2.71
N SER A 258 12.20 -13.62 -3.19
CA SER A 258 12.81 -13.60 -4.51
C SER A 258 14.30 -13.25 -4.40
N HIS A 259 15.12 -14.04 -5.11
CA HIS A 259 16.55 -13.76 -5.10
C HIS A 259 16.99 -13.03 -6.36
N ASP A 260 16.08 -12.57 -7.22
CA ASP A 260 16.47 -12.11 -8.54
C ASP A 260 15.58 -10.93 -8.91
N LEU A 261 15.28 -10.14 -7.90
CA LEU A 261 14.53 -8.91 -8.08
C LEU A 261 13.15 -9.19 -8.69
N GLY A 262 12.52 -10.29 -8.26
CA GLY A 262 11.11 -10.48 -8.56
C GLY A 262 10.84 -11.26 -9.84
N SER A 263 11.87 -11.91 -10.43
CA SER A 263 11.65 -12.82 -11.57
C SER A 263 11.14 -14.17 -11.10
N THR A 264 11.68 -14.69 -10.00
CA THR A 264 11.16 -15.94 -9.48
C THR A 264 10.80 -15.80 -8.02
N TRP A 265 9.92 -16.69 -7.54
CA TRP A 265 9.46 -16.62 -6.16
C TRP A 265 9.44 -18.03 -5.56
N GLU A 266 9.72 -18.12 -4.27
CA GLU A 266 9.41 -19.30 -3.48
C GLU A 266 8.67 -18.84 -2.24
N ILE A 267 7.97 -19.77 -1.61
CA ILE A 267 7.28 -19.54 -0.36
C ILE A 267 8.31 -19.15 0.70
N TYR A 268 8.04 -18.06 1.45
CA TYR A 268 8.88 -17.68 2.59
C TYR A 268 8.28 -18.19 3.92
N GLU A 269 8.81 -19.31 4.42
CA GLU A 269 8.19 -20.03 5.53
C GLU A 269 8.12 -19.21 6.81
N PRO A 270 9.19 -18.48 7.23
CA PRO A 270 9.14 -17.75 8.49
C PRO A 270 7.92 -16.84 8.65
N LEU A 271 7.45 -16.27 7.54
CA LEU A 271 6.33 -15.35 7.60
C LEU A 271 5.05 -15.93 6.97
N ASN A 272 5.16 -16.84 6.00
CA ASN A 272 4.00 -17.43 5.36
C ASN A 272 3.08 -18.11 6.39
N GLY A 273 1.83 -17.64 6.47
CA GLY A 273 0.87 -18.30 7.33
C GLY A 273 0.91 -17.78 8.77
N LYS A 274 1.80 -16.83 9.06
CA LYS A 274 2.09 -16.48 10.44
C LYS A 274 1.11 -15.41 10.96
N VAL A 275 0.66 -14.47 10.12
CA VAL A 275 -0.35 -13.46 10.46
C VAL A 275 -1.71 -13.89 9.90
N LEU A 276 -2.66 -14.16 10.80
CA LEU A 276 -3.99 -14.68 10.48
C LEU A 276 -4.90 -13.50 10.27
N THR A 277 -5.89 -13.67 9.39
CA THR A 277 -6.65 -12.53 8.97
C THR A 277 -8.16 -12.78 9.15
N GLY A 278 -8.53 -13.96 9.69
CA GLY A 278 -9.90 -14.27 10.04
C GLY A 278 -10.69 -14.70 8.81
N LYS A 279 -11.99 -14.96 9.02
CA LYS A 279 -12.85 -15.53 7.99
C LYS A 279 -13.07 -14.54 6.86
N GLY A 280 -13.25 -15.07 5.65
CA GLY A 280 -13.71 -14.24 4.56
C GLY A 280 -12.54 -13.76 3.69
N SER A 281 -12.76 -12.61 3.05
CA SER A 281 -11.76 -11.98 2.22
C SER A 281 -10.61 -11.49 3.10
N GLY A 282 -9.45 -11.34 2.44
CA GLY A 282 -8.26 -10.80 3.06
C GLY A 282 -8.43 -9.28 3.23
N CYS A 283 -7.36 -8.61 3.65
CA CYS A 283 -7.38 -7.17 3.82
C CYS A 283 -5.96 -6.65 3.57
N GLN A 284 -5.87 -5.42 3.04
CA GLN A 284 -4.60 -4.72 2.85
C GLN A 284 -3.91 -4.60 4.22
N GLY A 285 -2.58 -4.59 4.20
CA GLY A 285 -1.79 -4.37 5.40
C GLY A 285 -0.44 -3.78 5.00
N SER A 286 0.41 -3.47 5.99
CA SER A 286 1.70 -2.95 5.60
C SER A 286 2.80 -3.81 6.20
N PHE A 287 4.01 -3.75 5.61
CA PHE A 287 5.15 -4.57 5.97
C PHE A 287 6.43 -3.79 5.71
N ILE A 288 7.19 -3.47 6.76
CA ILE A 288 8.34 -2.60 6.61
C ILE A 288 9.51 -3.18 7.39
N LYS A 289 10.72 -2.74 7.03
CA LYS A 289 11.91 -3.26 7.69
C LYS A 289 12.47 -2.20 8.62
N ALA A 290 12.94 -2.63 9.80
CA ALA A 290 13.66 -1.75 10.69
C ALA A 290 14.94 -2.46 11.13
N THR A 291 15.99 -1.69 11.38
CA THR A 291 17.20 -2.24 12.01
C THR A 291 17.33 -1.67 13.41
N THR A 292 17.39 -2.55 14.40
CA THR A 292 17.49 -2.06 15.76
C THR A 292 18.97 -1.90 16.13
N SER A 293 19.20 -1.27 17.29
CA SER A 293 20.52 -0.83 17.72
C SER A 293 21.49 -2.00 17.81
N ASN A 294 21.00 -3.18 18.21
CA ASN A 294 21.82 -4.38 18.27
C ASN A 294 22.16 -4.94 16.87
N GLY A 295 21.77 -4.28 15.77
CA GLY A 295 22.12 -4.83 14.47
C GLY A 295 21.04 -5.72 13.83
N HIS A 296 20.09 -6.23 14.63
CA HIS A 296 19.01 -7.08 14.10
C HIS A 296 18.11 -6.33 13.12
N ARG A 297 17.79 -6.97 11.99
CA ARG A 297 16.75 -6.50 11.09
C ARG A 297 15.40 -7.08 11.53
N ILE A 298 14.41 -6.19 11.76
CA ILE A 298 13.12 -6.67 12.22
C ILE A 298 12.08 -6.30 11.16
N GLY A 299 11.00 -7.10 11.06
CA GLY A 299 9.93 -6.69 10.18
C GLY A 299 8.72 -6.35 11.02
N LEU A 300 7.98 -5.33 10.60
CA LEU A 300 6.77 -4.95 11.30
C LEU A 300 5.61 -4.99 10.33
N ILE A 301 4.49 -5.57 10.77
CA ILE A 301 3.36 -5.75 9.90
C ILE A 301 2.16 -5.16 10.61
N SER A 302 1.33 -4.49 9.81
CA SER A 302 0.09 -3.95 10.32
C SER A 302 -1.07 -4.56 9.54
N ALA A 303 -2.11 -4.99 10.27
CA ALA A 303 -3.27 -5.65 9.69
C ALA A 303 -4.31 -5.90 10.79
N PRO A 304 -5.61 -5.98 10.43
CA PRO A 304 -6.64 -6.31 11.41
C PRO A 304 -6.59 -7.80 11.77
N LYS A 305 -6.87 -8.06 13.07
CA LYS A 305 -7.03 -9.42 13.53
C LYS A 305 -8.28 -10.01 12.86
N ASN A 306 -9.32 -9.21 12.64
CA ASN A 306 -10.54 -9.69 11.97
C ASN A 306 -11.14 -10.89 12.72
N THR A 307 -11.16 -10.81 14.05
CA THR A 307 -11.75 -11.88 14.84
C THR A 307 -13.27 -11.98 14.62
N LYS A 308 -13.95 -10.89 14.23
CA LYS A 308 -15.39 -10.87 14.01
C LYS A 308 -15.71 -11.30 12.58
N GLY A 309 -14.75 -11.20 11.66
CA GLY A 309 -14.87 -11.97 10.43
C GLY A 309 -15.28 -11.09 9.27
N GLU A 310 -14.92 -11.55 8.06
CA GLU A 310 -15.41 -10.90 6.85
C GLU A 310 -14.86 -9.46 6.83
N TYR A 311 -15.75 -8.50 6.55
CA TYR A 311 -15.28 -7.16 6.29
C TYR A 311 -15.33 -6.31 7.55
N ILE A 312 -15.61 -6.94 8.70
CA ILE A 312 -15.65 -6.19 9.93
C ILE A 312 -14.25 -5.69 10.26
N ARG A 313 -13.23 -6.57 10.11
CA ARG A 313 -11.84 -6.15 10.22
C ARG A 313 -11.55 -5.42 11.54
N ASP A 314 -12.02 -5.99 12.68
CA ASP A 314 -11.72 -5.45 14.00
C ASP A 314 -10.21 -5.51 14.32
N ASN A 315 -9.70 -4.55 15.12
CA ASN A 315 -8.40 -4.62 15.80
C ASN A 315 -7.22 -4.59 14.80
N ILE A 316 -6.93 -3.42 14.25
CA ILE A 316 -5.71 -3.22 13.48
C ILE A 316 -4.52 -3.33 14.45
N ALA A 317 -3.68 -4.37 14.25
CA ALA A 317 -2.59 -4.69 15.17
C ALA A 317 -1.27 -4.58 14.43
N VAL A 318 -0.21 -4.48 15.25
CA VAL A 318 1.15 -4.42 14.79
C VAL A 318 1.90 -5.63 15.35
N TYR A 319 2.61 -6.29 14.45
CA TYR A 319 3.28 -7.52 14.81
C TYR A 319 4.73 -7.37 14.38
N MET A 320 5.59 -8.18 15.00
CA MET A 320 7.01 -8.00 14.76
C MET A 320 7.63 -9.38 14.64
N ILE A 321 8.54 -9.49 13.68
CA ILE A 321 9.43 -10.63 13.58
C ILE A 321 10.88 -10.11 13.54
N ASP A 322 11.82 -10.93 14.07
CA ASP A 322 13.24 -10.66 14.09
C ASP A 322 13.94 -11.60 13.12
N PHE A 323 14.41 -11.04 11.98
CA PHE A 323 15.04 -11.86 10.94
C PHE A 323 16.36 -12.44 11.45
N ASP A 324 16.89 -11.83 12.52
CA ASP A 324 18.17 -12.29 13.03
C ASP A 324 17.91 -13.23 14.20
N ASP A 325 16.65 -13.65 14.39
CA ASP A 325 16.32 -14.57 15.48
C ASP A 325 15.00 -15.30 15.15
N LEU A 326 15.06 -16.11 14.10
CA LEU A 326 13.88 -16.67 13.44
C LEU A 326 13.16 -17.68 14.33
N SER A 327 13.82 -18.21 15.36
CA SER A 327 13.10 -19.22 16.12
C SER A 327 12.10 -18.59 17.11
N LYS A 328 12.19 -17.28 17.25
CA LYS A 328 11.32 -16.57 18.16
C LYS A 328 10.05 -16.19 17.39
N ARG A 329 8.88 -16.56 17.92
CA ARG A 329 7.63 -16.45 17.17
C ARG A 329 7.23 -14.98 16.98
N VAL A 330 6.49 -14.73 15.90
CA VAL A 330 5.97 -13.42 15.61
C VAL A 330 5.16 -12.96 16.81
N GLN A 331 5.28 -11.70 17.14
CA GLN A 331 4.72 -11.22 18.38
C GLN A 331 3.89 -10.01 18.01
N GLU A 332 2.72 -9.91 18.63
CA GLU A 332 1.86 -8.76 18.54
C GLU A 332 2.45 -7.65 19.42
N ILE A 333 2.67 -6.47 18.87
CA ILE A 333 3.32 -5.44 19.67
C ILE A 333 2.29 -4.58 20.42
N CYS A 334 1.25 -4.17 19.70
CA CYS A 334 0.20 -3.29 20.16
C CYS A 334 -0.91 -3.33 19.13
N ILE A 335 -2.07 -2.80 19.51
CA ILE A 335 -3.27 -2.73 18.69
C ILE A 335 -3.68 -1.27 18.59
N PRO A 336 -3.12 -0.48 17.64
CA PRO A 336 -3.45 0.93 17.51
C PRO A 336 -4.92 1.21 17.35
N TYR A 337 -5.66 0.26 16.78
CA TYR A 337 -7.07 0.52 16.55
C TYR A 337 -7.88 -0.66 17.06
N PRO A 338 -8.10 -0.72 18.39
CA PRO A 338 -8.68 -1.88 19.04
C PRO A 338 -10.20 -1.80 18.91
N LYS A 339 -10.64 -1.54 17.68
CA LYS A 339 -12.08 -1.44 17.46
C LYS A 339 -12.52 -2.18 16.21
N ASP A 340 -13.80 -2.51 16.16
CA ASP A 340 -14.41 -3.06 14.95
C ASP A 340 -14.27 -2.05 13.83
N GLY A 341 -13.98 -2.51 12.62
CA GLY A 341 -13.97 -1.59 11.51
C GLY A 341 -15.39 -1.37 11.00
N ASN A 342 -15.60 -0.36 10.17
CA ASN A 342 -16.89 -0.19 9.52
C ASN A 342 -16.99 -1.10 8.29
N LYS A 343 -18.03 -1.93 8.31
CA LYS A 343 -18.31 -2.98 7.35
C LYS A 343 -18.34 -2.41 5.92
N LEU A 344 -18.65 -1.09 5.78
CA LEU A 344 -18.74 -0.46 4.48
C LEU A 344 -17.34 -0.25 3.91
N GLY A 345 -16.29 -0.34 4.74
CA GLY A 345 -14.97 -0.11 4.20
C GLY A 345 -14.03 0.38 5.29
N GLY A 346 -13.19 -0.53 5.82
CA GLY A 346 -12.28 -0.20 6.91
C GLY A 346 -11.14 -1.22 6.94
N GLY A 347 -10.26 -1.10 7.94
CA GLY A 347 -9.20 -2.05 8.27
C GLY A 347 -7.82 -1.72 7.70
N TYR A 348 -7.75 -0.87 6.65
CA TYR A 348 -6.50 -0.65 5.94
C TYR A 348 -5.59 0.22 6.80
N SER A 349 -4.27 0.15 6.58
CA SER A 349 -3.33 0.82 7.47
C SER A 349 -1.99 0.93 6.78
N CYS A 350 -1.12 1.81 7.30
CA CYS A 350 0.20 1.98 6.71
C CYS A 350 1.18 2.46 7.78
N LEU A 351 2.27 1.70 7.93
CA LEU A 351 3.40 2.04 8.79
C LEU A 351 4.46 2.81 8.00
N SER A 352 5.25 3.63 8.72
CA SER A 352 6.44 4.20 8.11
C SER A 352 7.49 4.32 9.20
N PHE A 353 8.70 3.87 8.88
CA PHE A 353 9.80 3.92 9.82
C PHE A 353 10.97 4.72 9.23
N LYS A 354 11.50 5.66 10.01
CA LYS A 354 12.61 6.49 9.55
C LYS A 354 13.30 7.08 10.77
N ASN A 355 14.62 6.85 10.86
CA ASN A 355 15.46 7.53 11.83
C ASN A 355 14.95 7.25 13.24
N SER A 356 14.62 5.99 13.50
CA SER A 356 14.25 5.55 14.84
C SER A 356 12.84 6.03 15.23
N HIS A 357 12.10 6.59 14.27
CA HIS A 357 10.68 6.85 14.55
C HIS A 357 9.75 5.92 13.72
N LEU A 358 8.56 5.67 14.27
CA LEU A 358 7.55 4.77 13.73
C LEU A 358 6.19 5.46 13.88
N SER A 359 5.54 5.69 12.73
CA SER A 359 4.17 6.19 12.63
C SER A 359 3.26 5.19 11.90
N ILE A 360 1.94 5.37 12.10
CA ILE A 360 0.94 4.57 11.41
C ILE A 360 -0.23 5.47 11.01
N VAL A 361 -0.82 5.27 9.81
CA VAL A 361 -2.13 5.84 9.51
C VAL A 361 -3.11 4.67 9.31
N TYR A 362 -4.42 4.88 9.51
CA TYR A 362 -5.31 3.73 9.40
C TYR A 362 -6.75 4.20 9.33
N GLU A 363 -7.62 3.36 8.76
CA GLU A 363 -9.04 3.63 8.68
C GLU A 363 -9.75 3.43 10.03
N ALA A 364 -10.69 4.32 10.33
CA ALA A 364 -11.46 4.31 11.58
C ALA A 364 -12.80 4.98 11.32
N ASN A 365 -13.80 4.15 10.99
CA ASN A 365 -15.22 4.49 10.89
C ASN A 365 -15.41 5.66 9.90
N GLY A 366 -14.77 5.53 8.71
CA GLY A 366 -14.90 6.49 7.62
C GLY A 366 -13.85 7.60 7.66
N ASN A 367 -13.11 7.66 8.77
CA ASN A 367 -12.06 8.66 8.92
C ASN A 367 -10.69 7.99 8.72
N ILE A 368 -9.64 8.80 8.54
CA ILE A 368 -8.28 8.32 8.79
C ILE A 368 -7.80 8.93 10.10
N GLU A 369 -7.21 8.09 10.96
CA GLU A 369 -6.55 8.51 12.17
C GLU A 369 -5.06 8.32 11.98
N TYR A 370 -4.29 9.00 12.85
CA TYR A 370 -2.84 9.05 12.81
C TYR A 370 -2.35 8.84 14.24
N GLN A 371 -1.30 8.03 14.39
CA GLN A 371 -0.56 7.88 15.64
C GLN A 371 0.93 7.80 15.33
N ASP A 372 1.72 8.32 16.30
CA ASP A 372 3.14 8.06 16.48
C ASP A 372 3.31 6.81 17.34
N LEU A 373 4.05 5.80 16.88
CA LEU A 373 4.17 4.56 17.63
C LEU A 373 5.62 4.40 18.10
N THR A 374 6.37 5.50 18.05
CA THR A 374 7.80 5.48 18.38
C THR A 374 8.02 4.90 19.76
N PRO A 375 7.15 5.18 20.75
CA PRO A 375 7.34 4.59 22.08
C PRO A 375 7.36 3.06 22.03
N TYR A 376 6.52 2.46 21.16
CA TYR A 376 6.54 1.02 20.92
C TYR A 376 7.87 0.57 20.32
N TYR A 377 8.44 1.38 19.41
CA TYR A 377 9.73 1.02 18.85
C TYR A 377 10.79 1.00 19.96
N SER A 378 10.79 2.03 20.82
CA SER A 378 11.72 2.06 21.96
C SER A 378 11.67 0.79 22.76
N LEU A 379 10.43 0.33 23.06
CA LEU A 379 10.19 -0.92 23.79
C LEU A 379 10.86 -2.09 23.06
N ILE A 380 10.77 -2.11 21.72
CA ILE A 380 11.40 -3.18 20.96
C ILE A 380 12.92 -2.99 21.01
N ASN A 381 13.37 -1.75 20.86
CA ASN A 381 14.78 -1.43 20.70
C ASN A 381 15.61 -1.64 21.99
N LYS A 382 15.02 -1.53 23.19
CA LYS A 382 15.72 -1.99 24.41
C LYS A 382 17.14 -1.41 24.59
C1 NAG B . -19.31 -8.27 -3.52
C2 NAG B . -19.39 -7.94 -2.03
C3 NAG B . -18.53 -6.72 -1.78
C4 NAG B . -17.09 -7.16 -1.99
C5 NAG B . -16.99 -8.03 -3.24
C6 NAG B . -15.72 -8.84 -3.29
C7 NAG B . -20.88 -9.08 -0.48
C8 NAG B . -19.77 -10.05 -0.18
N2 NAG B . -20.65 -8.09 -1.34
O1 NAG B . -20.34 -9.13 -3.85
O3 NAG B . -18.67 -6.21 -0.47
O4 NAG B . -16.37 -5.96 -2.24
O5 NAG B . -18.09 -8.95 -3.35
O6 NAG B . -15.46 -9.13 -4.64
O7 NAG B . -21.97 -9.18 0.06
C1 GAL B . -15.47 -5.43 -1.26
C2 GAL B . -14.45 -4.51 -1.88
C3 GAL B . -13.70 -3.79 -0.76
C4 GAL B . -14.64 -3.11 0.23
C5 GAL B . -15.61 -4.16 0.75
C6 GAL B . -16.67 -3.57 1.64
O2 GAL B . -13.58 -5.28 -2.71
O3 GAL B . -12.82 -2.86 -1.36
O4 GAL B . -15.42 -2.13 -0.42
O5 GAL B . -16.31 -4.73 -0.35
O6 GAL B . -16.09 -3.18 2.88
C1 SIA C . -11.20 -3.58 0.42
C2 SIA C . -11.24 -2.98 -0.98
C3 SIA C . -10.67 -1.56 -1.00
C4 SIA C . -9.88 -1.22 -2.26
C5 SIA C . -10.32 -2.09 -3.41
C6 SIA C . -9.92 -3.53 -3.07
C7 SIA C . -10.39 -4.53 -4.11
C8 SIA C . -10.29 -6.00 -3.71
C9 SIA C . -10.90 -6.95 -4.72
C10 SIA C . -10.05 -1.71 -5.86
C11 SIA C . -11.46 -2.09 -6.11
N5 SIA C . -9.65 -1.55 -4.58
O1A SIA C . -10.91 -4.77 0.57
O1B SIA C . -11.54 -2.86 1.37
O4 SIA C . -10.05 0.16 -2.59
O6 SIA C . -10.58 -3.93 -1.85
O7 SIA C . -11.77 -4.27 -4.39
O8 SIA C . -8.91 -6.32 -3.61
O9 SIA C . -10.25 -6.85 -5.99
O10 SIA C . -9.29 -1.49 -6.80
C1 EDO D . 15.41 -1.21 2.07
O1 EDO D . 16.57 -1.47 2.86
C2 EDO D . 14.57 -0.05 2.53
O2 EDO D . 14.06 0.87 1.52
C1 EDO E . -22.02 8.38 4.43
O1 EDO E . -22.10 7.90 3.08
C2 EDO E . -23.25 9.06 4.95
O2 EDO E . -23.17 10.49 5.01
C1 EDO F . 23.99 -10.85 12.44
O1 EDO F . 23.49 -9.67 13.08
C2 EDO F . 23.76 -10.81 10.97
O2 EDO F . 23.58 -9.47 10.51
C1 EDO G . -6.72 5.15 -21.18
O1 EDO G . -6.88 4.46 -22.42
C2 EDO G . -5.47 5.95 -21.10
O2 EDO G . -4.30 5.19 -20.89
C1 EDO H . 0.78 -21.79 0.81
O1 EDO H . 0.71 -21.35 -0.56
C2 EDO H . 0.59 -20.63 1.69
O2 EDO H . 0.79 -19.42 0.95
#